data_7A3Y
#
_entry.id   7A3Y
#
loop_
_entity.id
_entity.type
_entity.pdbx_description
1 polymer 'RNA-A chain A'
2 polymer 'RNA-A chain B'
3 non-polymer BERBERINE
#
loop_
_entity_poly.entity_id
_entity_poly.type
_entity_poly.pdbx_seq_one_letter_code
_entity_poly.pdbx_strand_id
1 'polyribonucleotide' GCAGCUCGUCCUG A
2 'polyribonucleotide' CAGGAUAGCUGC B
#
loop_
_chem_comp.id
_chem_comp.type
_chem_comp.name
_chem_comp.formula
A RNA linking ADENOSINE-5'-MONOPHOSPHATE 'C10 H14 N5 O7 P'
BER non-polymer BERBERINE 'C20 H18 N O4 1'
C RNA linking CYTIDINE-5'-MONOPHOSPHATE 'C9 H14 N3 O8 P'
G RNA linking GUANOSINE-5'-MONOPHOSPHATE 'C10 H14 N5 O8 P'
U RNA linking URIDINE-5'-MONOPHOSPHATE 'C9 H13 N2 O9 P'
#
# COMPACT_ATOMS: atom_id res chain seq x y z
C1 BER C . 0.91 -0.14 0.36
C2 BER C . 2.01 -0.29 1.32
N1 BER C . 0.77 1.18 -0.10
C3 BER C . 0.07 -1.19 -0.04
C4 BER C . 2.66 0.82 1.88
C5 BER C . 2.40 -1.59 1.77
C6 BER C . -0.32 1.45 -0.88
C7 BER C . 1.80 2.24 0.06
C8 BER C . -1.02 -0.89 -0.88
C9 BER C . 3.69 0.65 2.83
C10 BER C . 2.27 2.22 1.50
C11 BER C . 3.43 -1.72 2.71
C12 BER C . -1.24 0.42 -1.28
C13 BER C . -1.92 -1.90 -1.31
C14 BER C . 4.05 -0.64 3.22
O1 BER C . 3.86 -2.76 3.19
C15 BER C . -2.37 0.77 -2.06
C16 BER C . -3.04 -1.58 -2.10
O2 BER C . 4.92 -0.95 4.04
C17 BER C . 4.85 -2.38 4.20
C18 BER C . -3.27 -0.25 -2.48
O3 BER C . -2.58 2.08 -2.41
O4 BER C . -4.35 0.13 -3.28
C19 BER C . -3.61 2.81 -1.77
C20 BER C . -5.29 -0.78 -3.80
H31 BER C . 0.20 -2.20 0.31
H51 BER C . 1.95 -2.49 1.39
H61 BER C . -0.44 2.47 -1.22
H71 BER C . 2.64 2.02 -0.60
H72 BER C . 1.40 3.23 -0.18
H91 BER C . 4.19 1.49 3.27
H101 BER C . 1.47 2.55 2.15
H102 BER C . 3.12 2.89 1.61
H131 BER C . -1.76 -2.92 -1.02
H161 BER C . -3.72 -2.36 -2.39
H171 BER C . 4.48 -2.63 5.20
H172 BER C . 5.81 -2.86 4.02
H191 BER C . -3.43 2.83 -0.68
H192 BER C . -4.58 2.35 -1.96
H193 BER C . -3.63 3.84 -2.14
H201 BER C . -4.81 -1.49 -4.47
H202 BER C . -6.05 -0.23 -4.36
H203 BER C . -5.80 -1.32 -3.00
C1 BER C . 0.89 -0.12 0.30
C2 BER C . 1.96 -0.26 1.28
N1 BER C . 0.74 1.19 -0.16
C3 BER C . 0.06 -1.19 -0.12
C4 BER C . 2.58 0.85 1.87
C5 BER C . 2.36 -1.56 1.72
C6 BER C . -0.33 1.46 -0.97
C7 BER C . 1.74 2.27 0.04
C8 BER C . -1.01 -0.90 -1.00
C9 BER C . 3.60 0.69 2.83
C10 BER C . 2.18 2.24 1.48
C11 BER C . 3.37 -1.68 2.69
C12 BER C . -1.24 0.41 -1.39
C13 BER C . -1.88 -1.92 -1.43
C14 BER C . 3.98 -0.61 3.22
O1 BER C . 3.82 -2.72 3.17
C15 BER C . -2.34 0.73 -2.21
C16 BER C . -2.99 -1.61 -2.26
O2 BER C . 4.84 -0.91 4.04
C17 BER C . 4.79 -2.34 4.18
C18 BER C . -3.22 -0.28 -2.66
O3 BER C . -2.55 2.05 -2.57
O4 BER C . -4.28 0.08 -3.47
C19 BER C . -3.62 2.77 -1.97
C20 BER C . -5.21 -0.84 -4.02
H31 BER C . 0.19 -2.20 0.24
H51 BER C . 1.93 -2.47 1.33
H61 BER C . -0.46 2.47 -1.31
H71 BER C . 2.60 2.08 -0.61
H72 BER C . 1.33 3.25 -0.20
H91 BER C . 4.08 1.54 3.28
H101 BER C . 1.36 2.56 2.12
H102 BER C . 3.01 2.93 1.62
H131 BER C . -1.72 -2.94 -1.13
H161 BER C . -3.66 -2.40 -2.56
H171 BER C . 4.43 -2.60 5.18
H172 BER C . 5.77 -2.79 4.00
H191 BER C . -3.49 2.79 -0.88
H192 BER C . -4.57 2.31 -2.21
H193 BER C . -3.61 3.80 -2.34
H201 BER C . -5.73 -1.37 -3.20
H202 BER C . -4.70 -1.56 -4.66
H203 BER C . -5.94 -0.31 -4.61
C1 BER C . 0.92 -0.21 0.40
C2 BER C . 2.00 -0.35 1.37
N1 BER C . 0.76 1.10 -0.06
C3 BER C . 0.09 -1.28 -0.01
C4 BER C . 2.62 0.76 1.95
C5 BER C . 2.40 -1.65 1.82
C6 BER C . -0.31 1.36 -0.87
C7 BER C . 1.79 2.18 0.12
C8 BER C . -0.99 -0.99 -0.87
C9 BER C . 3.65 0.60 2.91
C10 BER C . 2.22 2.16 1.56
C11 BER C . 3.42 -1.77 2.79
C12 BER C . -1.22 0.32 -1.26
C13 BER C . -1.88 -2.00 -1.30
C14 BER C . 4.02 -0.69 3.31
O1 BER C . 3.87 -2.81 3.26
C15 BER C . -2.34 0.65 -2.07
C16 BER C . -2.99 -1.70 -2.10
O2 BER C . 4.88 -0.99 4.12
C17 BER C . 4.83 -2.43 4.28
C18 BER C . -3.23 -0.36 -2.49
O3 BER C . -2.56 1.97 -2.42
O4 BER C . -4.31 0.00 -3.29
C19 BER C . -3.61 2.69 -1.79
C20 BER C . -5.25 -0.92 -3.81
H31 BER C . 0.22 -2.30 0.35
H51 BER C . 1.96 -2.56 1.43
H61 BER C . -0.45 2.38 -1.21
H71 BER C . 2.63 1.97 -0.52
H72 BER C . 1.37 3.15 -0.13
H91 BER C . 4.14 1.45 3.35
H101 BER C . 1.41 2.49 2.20
H102 BER C . 3.07 2.84 1.69
H131 BER C . -1.72 -3.03 -1.00
H161 BER C . -3.67 -2.48 -2.39
H171 BER C . 4.46 -2.69 5.27
H172 BER C . 5.80 -2.88 4.10
H191 BER C . -3.46 2.71 -0.71
H192 BER C . -4.57 2.22 -2.01
H193 BER C . -3.62 3.71 -2.16
H201 BER C . -6.00 -0.38 -4.39
H202 BER C . -5.75 -1.45 -3.00
H203 BER C . -4.76 -1.64 -4.48
C1 BER C . 1.04 -0.31 0.48
C2 BER C . 2.11 -0.45 1.44
N1 BER C . 0.87 1.00 0.04
C3 BER C . 0.19 -1.38 0.07
C4 BER C . 2.76 0.65 2.01
C5 BER C . 2.53 -1.75 1.87
C6 BER C . -0.22 1.27 -0.75
C7 BER C . 1.88 2.08 0.20
C8 BER C . -0.90 -1.08 -0.77
C9 BER C . 3.79 0.49 2.97
C10 BER C . 2.36 2.05 1.64
C11 BER C . 3.56 -1.88 2.83
C12 BER C . -1.14 0.23 -1.14
C13 BER C . -1.78 -2.10 -1.20
C14 BER C . 4.17 -0.81 3.34
O1 BER C . 4.01 -2.93 3.29
C15 BER C . -2.28 0.57 -1.93
C16 BER C . -2.92 -1.78 -1.98
O2 BER C . 5.04 -1.11 4.15
C17 BER C . 4.98 -2.55 4.30
C18 BER C . -3.17 -0.44 -2.35
O3 BER C . -2.50 1.88 -2.27
O4 BER C . -4.25 -0.07 -3.13
C19 BER C . -3.54 2.60 -1.60
C20 BER C . -5.19 -0.99 -3.66
H31 BER C . 0.33 -2.39 0.41
H51 BER C . 2.09 -2.66 1.49
H61 BER C . -0.36 2.29 -1.08
H71 BER C . 2.73 1.88 -0.47
H72 BER C . 1.48 3.06 -0.03
H91 BER C . 4.28 1.34 3.40
H101 BER C . 1.56 2.38 2.29
H102 BER C . 3.21 2.73 1.75
H131 BER C . -1.62 -3.12 -0.91
H161 BER C . -3.60 -2.57 -2.26
H171 BER C . 4.62 -2.81 5.30
H172 BER C . 5.95 -3.00 4.11
H191 BER C . -3.56 3.63 -1.98
H192 BER C . -3.35 2.61 -0.53
H193 BER C . -4.50 2.14 -1.79
H201 BER C . -5.69 -1.54 -2.85
H202 BER C . -4.69 -1.70 -4.32
H203 BER C . -5.95 -0.45 -4.23
C1 BER C . 0.93 -0.36 0.32
C2 BER C . 2.01 -0.48 1.29
N1 BER C . 0.75 0.96 -0.14
C3 BER C . 0.10 -1.43 -0.08
C4 BER C . 2.64 0.63 1.85
C5 BER C . 2.44 -1.77 1.73
C6 BER C . -0.33 1.20 -0.93
C7 BER C . 1.76 2.04 0.03
C8 BER C . -0.99 -1.16 -0.93
C9 BER C . 3.67 0.49 2.81
C10 BER C . 2.23 2.03 1.47
C11 BER C . 3.46 -1.88 2.69
C12 BER C . -1.24 0.15 -1.32
C13 BER C . -1.87 -2.18 -1.36
C14 BER C . 4.06 -0.80 3.19
O1 BER C . 3.91 -2.92 3.15
C15 BER C . -2.37 0.46 -2.12
C16 BER C . -3.00 -1.88 -2.15
O2 BER C . 4.94 -1.09 4.01
C17 BER C . 4.88 -2.52 4.17
C18 BER C . -3.25 -0.55 -2.54
O3 BER C . -2.61 1.78 -2.47
O4 BER C . -4.34 -0.21 -3.34
C19 BER C . -3.66 2.49 -1.82
C20 BER C . -5.26 -1.15 -3.87
H31 BER C . 0.24 -2.45 0.27
H51 BER C . 2.00 -2.69 1.36
H61 BER C . -0.49 2.22 -1.27
H71 BER C . 2.61 1.84 -0.63
H72 BER C . 1.34 3.01 -0.22
H91 BER C . 4.16 1.35 3.24
H101 BER C . 1.41 2.35 2.11
H102 BER C . 3.06 2.72 1.57
H131 BER C . -1.69 -3.20 -1.06
H161 BER C . -3.66 -2.69 -2.44
H171 BER C . 4.52 -2.78 5.17
H172 BER C . 5.86 -2.98 3.99
H191 BER C . -4.62 2.03 -2.02
H192 BER C . -3.68 3.52 -2.19
H193 BER C . -3.48 2.52 -0.74
H201 BER C . -6.01 -0.61 -4.45
H202 BER C . -5.76 -1.68 -3.06
H203 BER C . -4.75 -1.84 -4.53
C1 BER C . 0.85 -0.16 0.26
C2 BER C . 1.92 -0.30 1.24
N1 BER C . 0.69 1.16 -0.19
C3 BER C . 0.02 -1.22 -0.15
C4 BER C . 2.55 0.81 1.82
C5 BER C . 2.32 -1.60 1.68
C6 BER C . -0.38 1.42 -1.00
C7 BER C . 1.70 2.23 -0.01
C8 BER C . -1.06 -0.94 -1.02
C9 BER C . 3.58 0.64 2.78
C10 BER C . 2.15 2.21 1.43
C11 BER C . 3.34 -1.72 2.66
C12 BER C . -1.29 0.37 -1.41
C13 BER C . -1.95 -1.95 -1.46
C14 BER C . 3.95 -0.64 3.16
O1 BER C . 3.79 -2.77 3.12
C15 BER C . -2.40 0.70 -2.22
C16 BER C . -3.05 -1.64 -2.27
O2 BER C . 4.82 -0.94 3.98
C17 BER C . 4.75 -2.38 4.13
C18 BER C . -3.29 -0.31 -2.66
O3 BER C . -2.62 2.02 -2.57
O4 BER C . -4.35 0.05 -3.48
C19 BER C . -3.66 2.75 -1.94
C20 BER C . -5.29 -0.86 -4.00
H31 BER C . 0.14 -2.24 0.21
H51 BER C . 1.88 -2.51 1.29
H61 BER C . -0.51 2.43 -1.34
H71 BER C . 2.55 2.03 -0.66
H72 BER C . 1.29 3.21 -0.25
H91 BER C . 4.06 1.51 3.22
H101 BER C . 1.33 2.53 2.08
H102 BER C . 2.98 2.89 1.56
H131 BER C . -1.77 -2.97 -1.15
H161 BER C . -3.73 -2.43 -2.56
H171 BER C . 4.38 -2.63 5.13
H172 BER C . 5.73 -2.83 3.97
H191 BER C . -4.62 2.29 -2.15
H192 BER C . -3.68 3.76 -2.33
H193 BER C . -3.49 2.78 -0.87
H201 BER C . -5.81 -1.38 -3.19
H202 BER C . -4.80 -1.59 -4.65
H203 BER C . -6.03 -0.33 -4.58
C1 BER C . 0.86 -0.19 0.26
C2 BER C . 1.93 -0.32 1.24
N1 BER C . 0.71 1.13 -0.20
C3 BER C . 0.04 -1.26 -0.17
C4 BER C . 2.54 0.79 1.82
C5 BER C . 2.33 -1.62 1.68
C6 BER C . -0.36 1.39 -1.02
C7 BER C . 1.70 2.20 -0.01
C8 BER C . -1.03 -0.97 -1.05
C9 BER C . 3.56 0.62 2.80
C10 BER C . 2.14 2.18 1.44
C11 BER C . 3.34 -1.74 2.65
C12 BER C . -1.26 0.33 -1.44
C13 BER C . -1.91 -2.00 -1.50
C14 BER C . 3.94 -0.67 3.18
O1 BER C . 3.80 -2.79 3.13
C15 BER C . -2.37 0.66 -2.26
C16 BER C . -3.01 -1.69 -2.31
O2 BER C . 4.80 -0.96 4.00
C17 BER C . 4.74 -2.40 4.15
C18 BER C . -3.25 -0.35 -2.71
O3 BER C . -2.60 1.97 -2.61
O4 BER C . -4.32 0.00 -3.52
C19 BER C . -3.65 2.69 -1.99
C20 BER C . -5.24 -0.93 -4.06
H31 BER C . 0.18 -2.28 0.18
H51 BER C . 1.91 -2.54 1.29
H61 BER C . -0.49 2.40 -1.36
H71 BER C . 2.57 2.01 -0.64
H72 BER C . 1.30 3.18 -0.25
H91 BER C . 4.04 1.48 3.25
H101 BER C . 1.31 2.49 2.07
H102 BER C . 2.97 2.86 1.57
H131 BER C . -1.73 -3.02 -1.21
H161 BER C . -3.67 -2.48 -2.63
H171 BER C . 4.36 -2.66 5.14
H172 BER C . 5.72 -2.86 3.99
H191 BER C . -4.61 2.22 -2.22
H192 BER C . -3.67 3.72 -2.36
H193 BER C . -3.51 2.71 -0.92
H201 BER C . -5.98 -0.40 -4.65
H202 BER C . -5.75 -1.47 -3.27
H203 BER C . -4.72 -1.63 -4.72
C1 BER C . 0.92 -0.16 0.37
C2 BER C . 1.98 -0.29 1.37
N1 BER C . 0.76 1.16 -0.08
C3 BER C . 0.11 -1.23 -0.06
C4 BER C . 2.59 0.81 1.96
C5 BER C . 2.38 -1.59 1.81
C6 BER C . -0.30 1.41 -0.90
C7 BER C . 1.76 2.24 0.13
C8 BER C . -0.96 -0.94 -0.94
C9 BER C . 3.60 0.65 2.94
C10 BER C . 2.19 2.21 1.58
C11 BER C . 3.39 -1.72 2.79
C12 BER C . -1.20 0.36 -1.34
C13 BER C . -1.82 -1.97 -1.40
C14 BER C . 3.98 -0.63 3.32
O1 BER C . 3.84 -2.76 3.25
C15 BER C . -2.30 0.69 -2.15
C16 BER C . -2.93 -1.66 -2.22
O2 BER C . 4.83 -0.93 4.14
C17 BER C . 4.80 -2.37 4.28
C18 BER C . -3.17 -0.32 -2.60
O3 BER C . -2.53 2.01 -2.50
O4 BER C . -4.23 0.04 -3.43
C19 BER C . -3.59 2.72 -1.89
C20 BER C . -5.16 -0.89 -3.97
H31 BER C . 0.24 -2.24 0.29
H51 BER C . 1.97 -2.51 1.41
H61 BER C . -0.44 2.43 -1.25
H71 BER C . 2.63 2.05 -0.51
H72 BER C . 1.35 3.22 -0.11
H91 BER C . 4.07 1.51 3.39
H101 BER C . 1.36 2.53 2.21
H102 BER C . 3.03 2.89 1.71
H131 BER C . -1.66 -2.98 -1.10
H161 BER C . -3.59 -2.45 -2.53
H171 BER C . 4.43 -2.66 5.27
H172 BER C . 5.78 -2.81 4.10
H191 BER C . -3.61 3.74 -2.27
H192 BER C . -3.45 2.75 -0.81
H193 BER C . -4.54 2.24 -2.11
H201 BER C . -5.90 -0.35 -4.56
H202 BER C . -5.67 -1.42 -3.17
H203 BER C . -4.64 -1.60 -4.63
C1 BER C . 0.94 -0.26 0.37
C2 BER C . 2.02 -0.39 1.34
N1 BER C . 0.79 1.06 -0.09
C3 BER C . 0.11 -1.32 -0.05
C4 BER C . 2.65 0.71 1.91
C5 BER C . 2.42 -1.70 1.77
C6 BER C . -0.29 1.34 -0.89
C7 BER C . 1.81 2.13 0.08
C8 BER C . -0.97 -1.02 -0.90
C9 BER C . 3.67 0.55 2.87
C10 BER C . 2.25 2.11 1.53
C11 BER C . 3.44 -1.82 2.74
C12 BER C . -1.21 0.30 -1.30
C13 BER C . -1.87 -2.02 -1.34
C14 BER C . 4.05 -0.74 3.25
O1 BER C . 3.89 -2.87 3.21
C15 BER C . -2.34 0.63 -2.09
C16 BER C . -2.98 -1.71 -2.13
O2 BER C . 4.92 -1.05 4.07
C17 BER C . 4.86 -2.48 4.22
C18 BER C . -3.22 -0.38 -2.52
O3 BER C . -2.55 1.96 -2.44
O4 BER C . -4.30 -0.02 -3.32
C19 BER C . -3.60 2.67 -1.80
C20 BER C . -5.24 -0.93 -3.84
H31 BER C . 0.24 -2.32 0.29
H51 BER C . 1.99 -2.61 1.38
H61 BER C . -0.42 2.36 -1.22
H71 BER C . 2.66 1.93 -0.57
H72 BER C . 1.40 3.12 -0.15
H91 BER C . 4.17 1.40 3.31
H101 BER C . 1.44 2.44 2.18
H102 BER C . 3.10 2.79 1.66
H131 BER C . -1.70 -3.06 -1.04
H161 BER C . -3.66 -2.50 -2.42
H171 BER C . 4.49 -2.74 5.22
H172 BER C . 5.83 -2.94 4.05
H191 BER C . -3.60 3.70 -2.17
H192 BER C . -3.45 2.68 -0.72
H193 BER C . -4.56 2.22 -2.02
H201 BER C . -4.75 -1.65 -4.50
H202 BER C . -5.99 -0.38 -4.41
H203 BER C . -5.75 -1.46 -3.02
C1 BER C . 0.94 -0.02 0.50
C2 BER C . 2.00 -0.17 1.49
N1 BER C . 0.80 1.29 0.06
C3 BER C . 0.12 -1.09 0.06
C4 BER C . 2.62 0.92 2.09
C5 BER C . 2.40 -1.48 1.91
C6 BER C . -0.26 1.56 -0.77
C7 BER C . 1.80 2.37 0.28
C8 BER C . -0.95 -0.79 -0.82
C9 BER C . 3.62 0.76 3.07
C10 BER C . 2.22 2.33 1.73
C11 BER C . 3.41 -1.61 2.89
C12 BER C . -1.16 0.52 -1.20
C13 BER C . -1.82 -1.80 -1.27
C14 BER C . 4.00 -0.54 3.44
O1 BER C . 3.86 -2.66 3.35
C15 BER C . -2.27 0.86 -2.03
C16 BER C . -2.92 -1.48 -2.10
O2 BER C . 4.87 -0.85 4.26
C17 BER C . 4.82 -2.30 4.38
C18 BER C . -3.15 -0.14 -2.48
O3 BER C . -2.47 2.19 -2.38
O4 BER C . -4.21 0.23 -3.30
C19 BER C . -3.53 2.90 -1.76
C20 BER C . -5.14 -0.69 -3.85
H31 BER C . 0.25 -2.11 0.41
H51 BER C . 1.98 -2.38 1.51
H61 BER C . -0.39 2.59 -1.10
H71 BER C . 2.67 2.17 -0.36
H72 BER C . 1.40 3.35 0.04
H91 BER C . 4.11 1.60 3.53
H101 BER C . 1.38 2.63 2.36
H102 BER C . 3.05 3.01 1.88
H131 BER C . -1.66 -2.82 -0.99
H161 BER C . -3.58 -2.27 -2.42
H171 BER C . 4.45 -2.58 5.36
H172 BER C . 5.80 -2.74 4.19
H191 BER C . -3.39 2.92 -0.68
H192 BER C . -4.49 2.45 -1.99
H193 BER C . -3.54 3.93 -2.14
H201 BER C . -5.65 -1.23 -3.06
H202 BER C . -4.63 -1.40 -4.51
H203 BER C . -5.87 -0.14 -4.43
#